data_7W0Z
#
_entry.id   7W0Z
#
_cell.length_a   51.026
_cell.length_b   76.553
_cell.length_c   63.553
_cell.angle_alpha   90.000
_cell.angle_beta   96.920
_cell.angle_gamma   90.000
#
_symmetry.space_group_name_H-M   'P 1 21 1'
#
loop_
_entity.id
_entity.type
_entity.pdbx_description
1 polymer Glycosyltransferase
2 non-polymer "URIDINE-5'-DIPHOSPHATE"
3 non-polymer 5-[(1R,2S,4R,6R,7R,10S,11S,14S,16R)-14-hydroxy-7,11-dimethyl-3-oxapentacyclo[8.8.0.02,4.02,7.011,16]octadecan-6-yl]pyran-2-one
4 water water
#
_entity_poly.entity_id   1
_entity_poly.type   'polypeptide(L)'
_entity_poly.pdbx_seq_one_letter_code
;GSHMGTIEISSPSKTHILAFPFPEKGHINPMLHLCNRLASKGFRVTLITTISTYKDVKNKIKCKSKGGLINLESIPDGTD
KNLGMNGYFNQFKNSVTESVAGIIEEYKLGHDFPPPKVLIYDSTMPWMLDVAHGHGILGASLFTQPCCVSVVYYHMLQGT
IDFHREQSSSSKVLLLPCLPPLEDRDLPEFDYFKEDSGFVSNLLLNQFLNIDKIDYVLFNTFEMLESEIANWMSNKWKIL
TIGPTAPTAAAAAAANNYLFETNTEVCMKWLDEREPNSVIYVSFGSIASLTEQQMEEISQALFTTNFNFLWVVREEERTK
LPNCLNNNNNNNNNPSSESFTTAAGKLGLIINWCPQLDVLRHESVACFMTHCGWNSTLEAISSGVPMICVPQWVDQTTNA
KFIQDVWKIGVRVNNNNGENGGLVKKEEIERCIKEVCESEKGKELKRNAMKWKDLSKEAVSEGGSSDTNLEYFASTLLFY
;
_entity_poly.pdbx_strand_id   A
#
# COMPACT_ATOMS: atom_id res chain seq x y z
N HIS A 3 7.34 -41.19 -36.65
CA HIS A 3 7.88 -39.97 -36.07
C HIS A 3 8.56 -40.25 -34.73
N MET A 4 9.57 -39.44 -34.43
CA MET A 4 10.52 -39.71 -33.35
C MET A 4 11.04 -38.38 -32.84
N GLY A 5 10.91 -38.13 -31.55
CA GLY A 5 11.42 -36.90 -30.97
C GLY A 5 10.88 -36.70 -29.57
N THR A 6 11.27 -35.57 -28.99
CA THR A 6 10.91 -35.23 -27.62
C THR A 6 10.23 -33.87 -27.58
N ILE A 7 9.11 -33.80 -26.89
CA ILE A 7 8.39 -32.57 -26.62
C ILE A 7 8.80 -32.07 -25.25
N GLU A 8 9.06 -30.76 -25.13
CA GLU A 8 9.27 -30.14 -23.82
C GLU A 8 8.14 -29.16 -23.51
N ILE A 9 7.60 -29.26 -22.31
CA ILE A 9 6.48 -28.42 -21.87
C ILE A 9 7.00 -27.42 -20.85
N SER A 10 6.66 -26.14 -21.07
CA SER A 10 6.95 -25.09 -20.10
C SER A 10 5.63 -24.70 -19.45
N SER A 11 5.48 -25.04 -18.18
CA SER A 11 4.25 -24.83 -17.42
C SER A 11 4.51 -24.02 -16.15
N PRO A 12 3.48 -23.37 -15.60
CA PRO A 12 3.67 -22.72 -14.29
C PRO A 12 4.19 -23.68 -13.24
N SER A 13 3.77 -24.95 -13.28
CA SER A 13 4.11 -25.87 -12.21
C SER A 13 5.61 -26.13 -12.12
N LYS A 14 6.36 -25.92 -13.18
CA LYS A 14 7.80 -26.12 -13.17
C LYS A 14 8.56 -24.81 -13.38
N THR A 15 7.95 -23.69 -13.01
CA THR A 15 8.59 -22.38 -13.07
C THR A 15 8.65 -21.80 -11.67
N HIS A 16 9.85 -21.41 -11.25
CA HIS A 16 10.08 -21.02 -9.86
C HIS A 16 10.21 -19.51 -9.78
N ILE A 17 9.29 -18.89 -9.04
CA ILE A 17 9.26 -17.43 -8.84
C ILE A 17 9.73 -17.13 -7.42
N LEU A 18 10.74 -16.26 -7.31
CA LEU A 18 11.22 -15.73 -6.04
C LEU A 18 10.64 -14.33 -5.80
N ALA A 19 10.27 -14.04 -4.56
CA ALA A 19 9.71 -12.74 -4.22
C ALA A 19 10.34 -12.23 -2.93
N PHE A 20 10.68 -10.93 -2.90
CA PHE A 20 11.44 -10.34 -1.81
C PHE A 20 10.95 -8.93 -1.53
N PRO A 21 10.04 -8.75 -0.55
CA PRO A 21 9.55 -7.43 -0.22
C PRO A 21 10.47 -6.70 0.75
N PHE A 22 10.37 -5.37 0.76
CA PHE A 22 10.99 -4.61 1.83
C PHE A 22 10.28 -4.95 3.14
N PRO A 23 11.02 -5.10 4.26
CA PRO A 23 10.37 -5.58 5.50
C PRO A 23 9.57 -4.52 6.24
N GLU A 24 8.39 -4.25 5.70
CA GLU A 24 7.43 -3.31 6.25
C GLU A 24 6.07 -3.75 5.69
N LYS A 25 5.02 -3.63 6.50
CA LYS A 25 3.76 -4.30 6.17
C LYS A 25 3.14 -3.76 4.88
N GLY A 26 3.28 -2.47 4.61
CA GLY A 26 2.76 -1.91 3.37
C GLY A 26 3.53 -2.32 2.13
N HIS A 27 4.70 -2.93 2.30
CA HIS A 27 5.43 -3.59 1.22
C HIS A 27 5.24 -5.10 1.24
N ILE A 28 5.21 -5.67 2.43
CA ILE A 28 5.04 -7.12 2.55
C ILE A 28 3.67 -7.55 2.05
N ASN A 29 2.62 -6.84 2.46
CA ASN A 29 1.26 -7.33 2.20
C ASN A 29 0.92 -7.38 0.71
N PRO A 30 1.19 -6.35 -0.10
CA PRO A 30 0.84 -6.48 -1.53
C PRO A 30 1.68 -7.49 -2.25
N MET A 31 2.93 -7.69 -1.83
CA MET A 31 3.74 -8.77 -2.36
C MET A 31 3.11 -10.13 -2.04
N LEU A 32 2.64 -10.33 -0.80
CA LEU A 32 1.96 -11.58 -0.43
C LEU A 32 0.75 -11.85 -1.32
N HIS A 33 -0.14 -10.86 -1.43
CA HIS A 33 -1.31 -10.99 -2.29
C HIS A 33 -0.92 -11.38 -3.72
N LEU A 34 0.15 -10.78 -4.24
CA LEU A 34 0.61 -11.13 -5.58
C LEU A 34 1.12 -12.56 -5.63
N CYS A 35 1.83 -12.98 -4.59
CA CYS A 35 2.35 -14.35 -4.54
C CYS A 35 1.22 -15.37 -4.51
N ASN A 36 0.17 -15.11 -3.71
CA ASN A 36 -1.00 -15.97 -3.70
C ASN A 36 -1.63 -16.08 -5.09
N ARG A 37 -1.80 -14.94 -5.78
CA ARG A 37 -2.37 -14.99 -7.12
C ARG A 37 -1.52 -15.82 -8.06
N LEU A 38 -0.19 -15.68 -7.97
CA LEU A 38 0.71 -16.43 -8.85
C LEU A 38 0.71 -17.92 -8.49
N ALA A 39 0.71 -18.24 -7.21
CA ALA A 39 0.58 -19.63 -6.80
C ALA A 39 -0.73 -20.24 -7.31
N SER A 40 -1.80 -19.43 -7.35
CA SER A 40 -3.08 -19.89 -7.89
C SER A 40 -2.96 -20.28 -9.35
N LYS A 41 -2.07 -19.64 -10.09
CA LYS A 41 -1.86 -20.01 -11.48
C LYS A 41 -0.99 -21.25 -11.61
N GLY A 42 -0.54 -21.83 -10.50
CA GLY A 42 0.28 -23.02 -10.51
C GLY A 42 1.76 -22.76 -10.34
N PHE A 43 2.20 -21.52 -10.25
CA PHE A 43 3.62 -21.28 -10.13
C PHE A 43 4.12 -21.77 -8.78
N ARG A 44 5.37 -22.24 -8.77
CA ARG A 44 6.11 -22.42 -7.52
C ARG A 44 6.63 -21.06 -7.07
N VAL A 45 6.26 -20.66 -5.86
CA VAL A 45 6.55 -19.32 -5.35
C VAL A 45 7.29 -19.44 -4.02
N THR A 46 8.50 -18.91 -3.96
CA THR A 46 9.25 -18.82 -2.71
C THR A 46 9.34 -17.37 -2.32
N LEU A 47 8.87 -17.07 -1.12
CA LEU A 47 8.90 -15.72 -0.58
C LEU A 47 10.03 -15.59 0.43
N ILE A 48 10.90 -14.62 0.22
CA ILE A 48 12.04 -14.38 1.08
C ILE A 48 11.75 -13.19 1.97
N THR A 49 11.99 -13.32 3.27
CA THR A 49 11.80 -12.17 4.14
C THR A 49 12.77 -12.23 5.31
N THR A 50 12.99 -11.05 5.91
CA THR A 50 13.94 -10.97 7.02
C THR A 50 13.42 -11.73 8.22
N ILE A 51 14.37 -12.15 9.07
CA ILE A 51 14.05 -12.98 10.24
C ILE A 51 13.05 -12.27 11.17
N SER A 52 13.15 -10.95 11.30
CA SER A 52 12.29 -10.19 12.19
C SER A 52 10.89 -9.92 11.62
N THR A 53 10.61 -10.31 10.37
CA THR A 53 9.25 -10.31 9.84
C THR A 53 8.80 -11.72 9.47
N TYR A 54 9.69 -12.71 9.57
CA TYR A 54 9.32 -14.07 9.19
C TYR A 54 8.09 -14.54 9.93
N LYS A 55 8.00 -14.23 11.24
CA LYS A 55 6.87 -14.71 12.05
C LYS A 55 5.55 -14.16 11.51
N ASP A 56 5.47 -12.84 11.31
CA ASP A 56 4.25 -12.24 10.76
C ASP A 56 3.88 -12.86 9.41
N VAL A 57 4.83 -12.88 8.47
CA VAL A 57 4.55 -13.49 7.16
C VAL A 57 4.19 -14.95 7.32
N LYS A 58 4.83 -15.66 8.26
CA LYS A 58 4.54 -17.08 8.46
C LYS A 58 3.09 -17.27 8.89
N ASN A 59 2.62 -16.47 9.85
CA ASN A 59 1.25 -16.63 10.33
C ASN A 59 0.23 -16.20 9.28
N LYS A 60 0.56 -15.23 8.43
CA LYS A 60 -0.43 -14.68 7.50
C LYS A 60 -0.75 -15.62 6.36
N ILE A 61 0.09 -16.62 6.09
CA ILE A 61 -0.16 -17.58 5.02
C ILE A 61 -0.18 -18.99 5.55
N LEU A 69 0.07 -22.68 -2.39
CA LEU A 69 0.92 -22.69 -1.20
C LEU A 69 2.27 -22.04 -1.51
N ILE A 70 2.84 -21.37 -0.51
CA ILE A 70 4.01 -20.52 -0.67
C ILE A 70 5.15 -21.09 0.18
N ASN A 71 6.31 -21.29 -0.44
CA ASN A 71 7.50 -21.61 0.34
C ASN A 71 8.05 -20.32 0.94
N LEU A 72 8.57 -20.40 2.17
CA LEU A 72 9.04 -19.23 2.90
C LEU A 72 10.52 -19.42 3.24
N GLU A 73 11.33 -18.40 2.97
CA GLU A 73 12.74 -18.41 3.34
C GLU A 73 13.05 -17.18 4.19
N SER A 74 13.93 -17.36 5.18
CA SER A 74 14.35 -16.28 6.04
C SER A 74 15.78 -15.89 5.70
N ILE A 75 16.07 -14.59 5.82
CA ILE A 75 17.44 -14.06 5.76
C ILE A 75 17.63 -13.24 7.04
N PRO A 76 18.80 -12.67 7.31
CA PRO A 76 18.94 -11.75 8.44
C PRO A 76 18.58 -10.30 8.08
N ASP A 77 18.39 -9.50 9.13
CA ASP A 77 18.06 -8.09 8.97
C ASP A 77 19.31 -7.21 9.03
N GLY A 87 19.24 5.01 10.59
CA GLY A 87 20.44 5.09 9.77
C GLY A 87 21.05 3.74 9.35
N TYR A 88 20.35 2.66 9.72
CA TYR A 88 20.79 1.29 9.45
C TYR A 88 20.48 0.82 8.03
N PHE A 89 20.04 1.69 7.14
CA PHE A 89 19.69 1.24 5.79
C PHE A 89 20.94 0.96 4.95
N ASN A 90 21.90 1.89 4.97
CA ASN A 90 23.14 1.76 4.19
C ASN A 90 23.76 0.38 4.32
N GLN A 91 23.71 -0.21 5.51
CA GLN A 91 24.18 -1.57 5.73
C GLN A 91 23.15 -2.61 5.34
N PHE A 92 21.85 -2.25 5.38
CA PHE A 92 20.81 -3.19 4.99
C PHE A 92 20.98 -3.63 3.55
N LYS A 93 21.29 -2.68 2.65
CA LYS A 93 21.62 -2.98 1.27
C LYS A 93 22.72 -4.02 1.18
N ASN A 94 23.80 -3.84 1.95
CA ASN A 94 24.93 -4.76 1.88
C ASN A 94 24.55 -6.16 2.37
N SER A 95 23.68 -6.25 3.37
CA SER A 95 23.38 -7.55 3.94
C SER A 95 22.47 -8.36 3.01
N VAL A 96 21.34 -7.79 2.59
CA VAL A 96 20.38 -8.55 1.80
C VAL A 96 20.86 -8.80 0.39
N THR A 97 21.76 -7.97 -0.14
CA THR A 97 22.41 -8.29 -1.39
C THR A 97 23.08 -9.66 -1.30
N GLU A 98 23.82 -9.90 -0.22
CA GLU A 98 24.54 -11.16 -0.06
C GLU A 98 23.58 -12.32 0.20
N SER A 99 22.66 -12.15 1.16
CA SER A 99 21.81 -13.26 1.54
C SER A 99 20.90 -13.71 0.40
N VAL A 100 20.30 -12.76 -0.33
CA VAL A 100 19.41 -13.17 -1.42
C VAL A 100 20.21 -13.84 -2.53
N ALA A 101 21.40 -13.31 -2.84
CA ALA A 101 22.26 -13.93 -3.84
C ALA A 101 22.54 -15.39 -3.48
N GLY A 102 22.80 -15.66 -2.20
CA GLY A 102 23.04 -17.03 -1.79
C GLY A 102 21.83 -17.92 -1.97
N ILE A 103 20.64 -17.39 -1.65
CA ILE A 103 19.41 -18.15 -1.84
C ILE A 103 19.20 -18.49 -3.31
N ILE A 104 19.56 -17.57 -4.20
CA ILE A 104 19.40 -17.82 -5.63
C ILE A 104 20.32 -18.97 -6.07
N GLU A 105 21.58 -18.93 -5.62
CA GLU A 105 22.52 -19.97 -6.05
C GLU A 105 22.16 -21.32 -5.48
N GLU A 106 21.77 -21.37 -4.21
CA GLU A 106 21.34 -22.65 -3.63
C GLU A 106 20.15 -23.23 -4.38
N TYR A 107 19.21 -22.37 -4.80
CA TYR A 107 18.09 -22.88 -5.59
C TYR A 107 18.52 -23.24 -7.01
N LYS A 108 19.61 -22.64 -7.51
CA LYS A 108 20.12 -23.02 -8.82
C LYS A 108 20.72 -24.42 -8.83
N LEU A 109 21.10 -24.94 -7.67
CA LEU A 109 21.78 -26.23 -7.56
C LEU A 109 20.88 -27.35 -7.03
N GLY A 110 19.73 -27.02 -6.46
CA GLY A 110 18.89 -28.02 -5.84
C GLY A 110 18.21 -28.93 -6.84
N HIS A 111 17.31 -29.75 -6.31
CA HIS A 111 16.51 -30.66 -7.12
C HIS A 111 15.04 -30.72 -6.71
N ASP A 112 14.69 -30.37 -5.47
CA ASP A 112 13.30 -30.37 -5.05
C ASP A 112 12.54 -29.13 -5.47
N PHE A 113 13.04 -28.41 -6.48
CA PHE A 113 12.42 -27.18 -6.97
C PHE A 113 13.01 -26.87 -8.34
N PRO A 114 12.26 -26.20 -9.22
CA PRO A 114 12.88 -25.68 -10.43
C PRO A 114 13.83 -24.55 -10.07
N PRO A 115 14.85 -24.31 -10.90
CA PRO A 115 15.70 -23.15 -10.67
C PRO A 115 14.92 -21.87 -10.84
N PRO A 116 15.31 -20.80 -10.15
CA PRO A 116 14.51 -19.57 -10.19
C PRO A 116 14.51 -18.97 -11.59
N LYS A 117 13.33 -18.62 -12.09
CA LYS A 117 13.30 -17.92 -13.36
C LYS A 117 13.29 -16.41 -13.18
N VAL A 118 12.75 -15.91 -12.08
CA VAL A 118 12.53 -14.47 -11.91
C VAL A 118 12.58 -14.15 -10.43
N LEU A 119 13.11 -12.97 -10.11
CA LEU A 119 13.03 -12.41 -8.76
C LEU A 119 12.12 -11.19 -8.81
N ILE A 120 11.01 -11.25 -8.06
CA ILE A 120 10.16 -10.09 -7.85
C ILE A 120 10.67 -9.38 -6.61
N TYR A 121 11.17 -8.17 -6.79
CA TYR A 121 11.77 -7.41 -5.69
C TYR A 121 11.07 -6.08 -5.50
N ASP A 122 11.17 -5.54 -4.29
CA ASP A 122 10.56 -4.26 -3.98
C ASP A 122 11.21 -3.14 -4.79
N SER A 123 10.39 -2.28 -5.38
CA SER A 123 10.92 -1.20 -6.23
C SER A 123 11.89 -0.29 -5.47
N THR A 124 11.79 -0.19 -4.14
CA THR A 124 12.72 0.66 -3.40
C THR A 124 14.08 -0.01 -3.17
N MET A 125 14.27 -1.22 -3.69
CA MET A 125 15.56 -1.92 -3.64
C MET A 125 16.07 -2.18 -5.05
N PRO A 126 16.33 -1.12 -5.83
CA PRO A 126 16.68 -1.31 -7.25
C PRO A 126 17.97 -2.07 -7.47
N TRP A 127 18.87 -2.09 -6.48
CA TRP A 127 20.11 -2.85 -6.62
C TRP A 127 19.85 -4.35 -6.73
N MET A 128 18.69 -4.83 -6.30
CA MET A 128 18.35 -6.24 -6.47
C MET A 128 18.25 -6.63 -7.94
N LEU A 129 18.03 -5.67 -8.84
CA LEU A 129 18.06 -5.99 -10.26
C LEU A 129 19.43 -6.52 -10.66
N ASP A 130 20.48 -5.97 -10.07
CA ASP A 130 21.83 -6.42 -10.39
C ASP A 130 22.07 -7.81 -9.82
N VAL A 131 21.53 -8.08 -8.62
CA VAL A 131 21.59 -9.42 -8.06
C VAL A 131 20.91 -10.44 -8.98
N ALA A 132 19.72 -10.11 -9.50
CA ALA A 132 19.03 -11.02 -10.40
C ALA A 132 19.81 -11.22 -11.68
N HIS A 133 20.15 -10.12 -12.38
CA HIS A 133 20.85 -10.26 -13.64
C HIS A 133 22.23 -10.87 -13.46
N GLY A 134 22.94 -10.50 -12.39
CA GLY A 134 24.22 -11.11 -12.12
C GLY A 134 24.16 -12.59 -11.83
N HIS A 135 22.99 -13.11 -11.47
CA HIS A 135 22.78 -14.54 -11.30
C HIS A 135 22.03 -15.17 -12.48
N GLY A 136 21.85 -14.43 -13.57
CA GLY A 136 21.28 -15.00 -14.78
C GLY A 136 19.78 -15.16 -14.80
N ILE A 137 19.04 -14.51 -13.91
CA ILE A 137 17.59 -14.64 -13.87
C ILE A 137 16.95 -13.27 -14.12
N LEU A 138 15.64 -13.27 -14.37
CA LEU A 138 14.95 -12.03 -14.67
C LEU A 138 14.61 -11.28 -13.38
N GLY A 139 14.44 -9.96 -13.53
CA GLY A 139 14.03 -9.11 -12.42
C GLY A 139 12.73 -8.39 -12.69
N ALA A 140 11.77 -8.49 -11.76
CA ALA A 140 10.52 -7.74 -11.81
C ALA A 140 10.46 -6.81 -10.60
N SER A 141 10.31 -5.51 -10.86
CA SER A 141 10.23 -4.50 -9.80
C SER A 141 8.77 -4.22 -9.46
N LEU A 142 8.40 -4.44 -8.20
CA LEU A 142 7.05 -4.20 -7.72
C LEU A 142 6.99 -2.86 -7.01
N PHE A 143 6.34 -1.89 -7.65
CA PHE A 143 6.02 -0.62 -7.02
C PHE A 143 4.80 -0.80 -6.12
N THR A 144 4.87 -0.24 -4.91
CA THR A 144 3.79 -0.35 -3.93
C THR A 144 3.08 0.98 -3.69
N GLN A 145 3.36 2.00 -4.51
CA GLN A 145 2.70 3.28 -4.49
C GLN A 145 2.06 3.53 -5.86
N PRO A 146 1.08 4.44 -5.96
CA PRO A 146 0.35 4.59 -7.23
C PRO A 146 1.25 5.15 -8.32
N CYS A 147 0.77 5.04 -9.56
CA CYS A 147 1.48 5.61 -10.69
C CYS A 147 1.68 7.12 -10.54
N CYS A 148 0.68 7.83 -10.04
CA CYS A 148 0.72 9.28 -10.04
C CYS A 148 1.82 9.82 -9.14
N VAL A 149 1.94 9.31 -7.92
CA VAL A 149 3.03 9.81 -7.07
C VAL A 149 4.37 9.29 -7.56
N SER A 150 4.39 8.13 -8.22
CA SER A 150 5.66 7.56 -8.69
C SER A 150 6.26 8.42 -9.81
N VAL A 151 5.43 8.95 -10.72
CA VAL A 151 5.99 9.84 -11.74
C VAL A 151 6.52 11.12 -11.10
N VAL A 152 5.90 11.59 -10.01
CA VAL A 152 6.47 12.72 -9.28
C VAL A 152 7.90 12.40 -8.86
N TYR A 153 8.12 11.19 -8.32
CA TYR A 153 9.48 10.77 -7.97
C TYR A 153 10.38 10.79 -9.18
N TYR A 154 9.90 10.29 -10.33
CA TYR A 154 10.75 10.26 -11.50
C TYR A 154 11.19 11.68 -11.89
N HIS A 155 10.26 12.63 -11.83
CA HIS A 155 10.57 14.01 -12.20
C HIS A 155 11.53 14.66 -11.19
N MET A 156 11.40 14.34 -9.90
CA MET A 156 12.40 14.82 -8.94
C MET A 156 13.78 14.27 -9.29
N LEU A 157 13.84 13.00 -9.71
CA LEU A 157 15.12 12.40 -10.04
C LEU A 157 15.77 13.09 -11.24
N GLN A 158 14.99 13.42 -12.27
CA GLN A 158 15.53 14.06 -13.46
C GLN A 158 16.14 15.42 -13.13
N GLY A 159 15.72 16.03 -12.03
CA GLY A 159 16.31 17.27 -11.58
C GLY A 159 16.11 18.45 -12.49
N THR A 160 15.17 18.38 -13.44
CA THR A 160 14.89 19.55 -14.28
C THR A 160 14.08 20.59 -13.51
N ILE A 161 12.88 20.22 -13.06
CA ILE A 161 12.01 21.13 -12.33
C ILE A 161 12.48 21.24 -10.88
N ASP A 162 12.33 22.43 -10.29
CA ASP A 162 12.77 22.69 -8.92
C ASP A 162 11.65 22.36 -7.94
N PHE A 163 11.89 21.35 -7.11
CA PHE A 163 10.92 20.94 -6.11
C PHE A 163 11.22 21.49 -4.71
N HIS A 164 12.29 22.26 -4.56
CA HIS A 164 12.58 22.82 -3.24
C HIS A 164 11.45 23.76 -2.82
N ARG A 165 11.06 23.67 -1.55
CA ARG A 165 9.98 24.48 -1.00
C ARG A 165 10.42 25.12 0.31
N GLU A 166 10.62 26.45 0.27
CA GLU A 166 10.56 27.27 1.48
C GLU A 166 9.17 27.91 1.47
N GLN A 167 8.18 27.12 1.91
CA GLN A 167 6.78 27.47 1.75
C GLN A 167 6.36 28.64 2.62
N SER A 168 7.25 29.16 3.45
CA SER A 168 6.96 30.37 4.20
C SER A 168 7.06 31.63 3.35
N SER A 169 7.75 31.58 2.21
CA SER A 169 8.03 32.75 1.39
C SER A 169 6.90 33.07 0.40
N SER A 170 6.34 32.05 -0.24
CA SER A 170 5.19 32.18 -1.15
C SER A 170 4.60 30.78 -1.34
N SER A 171 3.61 30.67 -2.22
CA SER A 171 2.97 29.40 -2.53
C SER A 171 3.22 29.05 -3.98
N LYS A 172 3.48 27.78 -4.24
CA LYS A 172 3.77 27.33 -5.59
C LYS A 172 2.76 26.28 -6.01
N VAL A 173 2.52 26.19 -7.31
CA VAL A 173 1.72 25.13 -7.89
C VAL A 173 2.51 24.53 -9.03
N LEU A 174 2.63 23.21 -9.03
CA LEU A 174 3.46 22.49 -9.96
C LEU A 174 2.60 21.76 -10.99
N LEU A 175 2.94 21.92 -12.27
CA LEU A 175 2.23 21.28 -13.37
C LEU A 175 3.16 20.26 -14.01
N LEU A 176 2.81 18.98 -13.93
CA LEU A 176 3.53 17.91 -14.57
C LEU A 176 2.66 17.26 -15.64
N PRO A 177 3.25 16.75 -16.71
CA PRO A 177 2.45 16.11 -17.77
C PRO A 177 1.54 15.01 -17.22
N CYS A 178 0.26 15.10 -17.58
CA CYS A 178 -0.75 14.07 -17.31
C CYS A 178 -1.12 13.97 -15.83
N LEU A 179 -0.85 15.00 -15.05
CA LEU A 179 -1.19 15.09 -13.64
C LEU A 179 -1.99 16.36 -13.42
N PRO A 180 -2.91 16.38 -12.45
CA PRO A 180 -3.56 17.64 -12.08
C PRO A 180 -2.58 18.57 -11.40
N PRO A 181 -2.85 19.88 -11.39
CA PRO A 181 -1.95 20.80 -10.68
C PRO A 181 -1.75 20.36 -9.23
N LEU A 182 -0.51 20.42 -8.77
CA LEU A 182 -0.19 20.04 -7.39
C LEU A 182 0.21 21.27 -6.58
N GLU A 183 -0.56 21.56 -5.53
CA GLU A 183 -0.10 22.57 -4.59
C GLU A 183 1.05 22.00 -3.76
N ASP A 184 1.66 22.90 -2.98
CA ASP A 184 2.76 22.50 -2.11
C ASP A 184 2.35 21.38 -1.16
N ARG A 185 1.16 21.48 -0.56
CA ARG A 185 0.69 20.44 0.35
C ARG A 185 0.30 19.14 -0.36
N ASP A 186 0.30 19.12 -1.70
CA ASP A 186 0.00 17.92 -2.46
C ASP A 186 1.24 17.12 -2.84
N LEU A 187 2.44 17.72 -2.69
CA LEU A 187 3.69 17.06 -3.01
C LEU A 187 4.03 16.02 -1.95
N PRO A 188 4.77 14.98 -2.32
CA PRO A 188 5.27 14.02 -1.32
C PRO A 188 5.93 14.73 -0.16
N GLU A 189 5.65 14.28 1.06
CA GLU A 189 6.10 14.98 2.26
C GLU A 189 7.39 14.34 2.79
N PHE A 190 8.52 15.05 2.61
CA PHE A 190 9.82 14.57 3.08
C PHE A 190 10.39 15.34 4.26
N ASP A 191 10.08 16.64 4.40
CA ASP A 191 10.66 17.45 5.47
C ASP A 191 10.29 16.94 6.85
N TYR A 192 9.21 16.15 6.97
CA TYR A 192 8.90 15.53 8.25
C TYR A 192 10.10 14.79 8.83
N PHE A 193 10.94 14.21 7.99
CA PHE A 193 12.07 13.39 8.44
C PHE A 193 13.30 14.23 8.80
N LYS A 194 13.19 15.54 8.72
CA LYS A 194 14.24 16.46 9.15
C LYS A 194 15.57 16.11 8.53
N GLU A 195 16.58 15.79 9.35
CA GLU A 195 17.91 15.47 8.82
C GLU A 195 17.92 14.22 7.95
N ASP A 196 16.90 13.37 8.05
CA ASP A 196 16.81 12.18 7.22
C ASP A 196 16.01 12.39 5.94
N SER A 197 15.59 13.64 5.65
CA SER A 197 14.76 13.86 4.46
C SER A 197 15.52 13.50 3.19
N GLY A 198 16.83 13.76 3.16
CA GLY A 198 17.60 13.42 1.97
C GLY A 198 17.61 11.93 1.69
N PHE A 199 17.82 11.12 2.73
CA PHE A 199 17.81 9.68 2.57
C PHE A 199 16.46 9.16 2.07
N VAL A 200 15.37 9.54 2.74
CA VAL A 200 14.03 9.08 2.35
C VAL A 200 13.73 9.49 0.91
N SER A 201 13.96 10.77 0.62
CA SER A 201 13.88 11.27 -0.75
C SER A 201 14.67 10.39 -1.71
N ASN A 202 15.96 10.18 -1.43
CA ASN A 202 16.81 9.35 -2.29
C ASN A 202 16.20 7.97 -2.54
N LEU A 203 15.65 7.34 -1.51
CA LEU A 203 15.12 5.99 -1.65
C LEU A 203 13.95 5.92 -2.63
N LEU A 204 13.05 6.91 -2.60
CA LEU A 204 11.92 6.90 -3.52
C LEU A 204 12.35 7.30 -4.94
N LEU A 205 13.24 8.28 -5.06
CA LEU A 205 13.70 8.71 -6.38
C LEU A 205 14.49 7.61 -7.07
N ASN A 206 15.30 6.88 -6.30
CA ASN A 206 16.21 5.89 -6.89
C ASN A 206 15.50 4.66 -7.41
N GLN A 207 14.18 4.53 -7.16
CA GLN A 207 13.40 3.49 -7.81
C GLN A 207 13.53 3.55 -9.32
N PHE A 208 13.84 4.72 -9.87
CA PHE A 208 13.86 4.94 -11.31
C PHE A 208 15.26 4.92 -11.91
N LEU A 209 16.30 4.72 -11.08
CA LEU A 209 17.68 4.76 -11.57
C LEU A 209 17.91 3.78 -12.71
N ASN A 210 17.34 2.58 -12.62
CA ASN A 210 17.61 1.54 -13.60
C ASN A 210 16.35 1.09 -14.31
N ILE A 211 15.37 1.99 -14.47
CA ILE A 211 14.04 1.57 -14.92
C ILE A 211 14.11 0.96 -16.31
N ASP A 212 14.97 1.49 -17.18
CA ASP A 212 15.08 0.99 -18.54
C ASP A 212 15.67 -0.41 -18.62
N LYS A 213 16.25 -0.94 -17.53
CA LYS A 213 16.85 -2.26 -17.53
C LYS A 213 16.00 -3.32 -16.81
N ILE A 214 14.93 -2.91 -16.11
CA ILE A 214 14.08 -3.86 -15.40
C ILE A 214 13.30 -4.71 -16.40
N ASP A 215 13.22 -6.01 -16.16
CA ASP A 215 12.50 -6.87 -17.11
C ASP A 215 10.99 -6.69 -17.01
N TYR A 216 10.44 -6.56 -15.80
CA TYR A 216 9.02 -6.30 -15.64
C TYR A 216 8.84 -5.20 -14.60
N VAL A 217 8.09 -4.15 -14.96
CA VAL A 217 7.78 -3.05 -14.05
C VAL A 217 6.33 -3.23 -13.61
N LEU A 218 6.13 -3.65 -12.37
CA LEU A 218 4.80 -3.94 -11.84
C LEU A 218 4.31 -2.81 -10.95
N PHE A 219 3.04 -2.42 -11.12
CA PHE A 219 2.37 -1.40 -10.30
C PHE A 219 1.11 -1.98 -9.71
N ASN A 220 0.94 -1.86 -8.40
CA ASN A 220 -0.27 -2.29 -7.71
C ASN A 220 -1.33 -1.20 -7.80
N THR A 221 -1.90 -1.09 -8.99
CA THR A 221 -2.98 -0.15 -9.28
C THR A 221 -3.71 -0.68 -10.50
N PHE A 222 -4.87 -0.09 -10.80
CA PHE A 222 -5.59 -0.49 -12.00
C PHE A 222 -5.77 0.68 -12.96
N GLU A 223 -5.75 0.33 -14.25
CA GLU A 223 -5.59 1.31 -15.32
C GLU A 223 -6.68 2.39 -15.27
N MET A 224 -7.95 1.99 -15.11
CA MET A 224 -9.03 2.97 -15.12
C MET A 224 -8.87 3.99 -13.99
N LEU A 225 -8.22 3.58 -12.90
CA LEU A 225 -8.03 4.50 -11.78
C LEU A 225 -7.07 5.61 -12.14
N GLU A 226 -6.04 5.29 -12.93
CA GLU A 226 -4.95 6.22 -13.24
C GLU A 226 -4.68 6.28 -14.75
N SER A 227 -5.76 6.43 -15.53
CA SER A 227 -5.67 6.26 -16.99
C SER A 227 -4.64 7.17 -17.63
N GLU A 228 -4.74 8.48 -17.39
CA GLU A 228 -3.87 9.43 -18.08
C GLU A 228 -2.41 9.19 -17.73
N ILE A 229 -2.09 9.07 -16.45
CA ILE A 229 -0.68 8.94 -16.11
C ILE A 229 -0.17 7.53 -16.42
N ALA A 230 -1.02 6.52 -16.32
CA ALA A 230 -0.58 5.16 -16.66
C ALA A 230 -0.27 5.07 -18.15
N ASN A 231 -1.14 5.62 -19.01
CA ASN A 231 -0.82 5.69 -20.43
C ASN A 231 0.49 6.42 -20.69
N TRP A 232 0.70 7.56 -20.02
CA TRP A 232 1.96 8.28 -20.15
C TRP A 232 3.15 7.37 -19.80
N MET A 233 3.06 6.68 -18.67
CA MET A 233 4.13 5.79 -18.27
C MET A 233 4.25 4.61 -19.23
N SER A 234 3.11 4.06 -19.66
CA SER A 234 3.12 2.96 -20.63
C SER A 234 3.86 3.33 -21.91
N ASN A 235 3.86 4.61 -22.29
CA ASN A 235 4.56 5.04 -23.49
C ASN A 235 6.07 5.21 -23.29
N LYS A 236 6.50 5.50 -22.06
CA LYS A 236 7.94 5.60 -21.81
C LYS A 236 8.54 4.23 -21.49
N TRP A 237 7.90 3.51 -20.59
CA TRP A 237 8.33 2.20 -20.13
C TRP A 237 7.18 1.24 -20.36
N LYS A 238 7.45 -0.05 -20.33
CA LYS A 238 6.39 -1.01 -20.59
C LYS A 238 5.84 -1.52 -19.26
N ILE A 239 5.15 -0.63 -18.55
CA ILE A 239 4.70 -0.94 -17.19
C ILE A 239 3.44 -1.80 -17.26
N LEU A 240 3.28 -2.64 -16.24
CA LEU A 240 2.14 -3.55 -16.12
C LEU A 240 1.40 -3.18 -14.84
N THR A 241 0.16 -2.71 -15.00
CA THR A 241 -0.69 -2.41 -13.87
C THR A 241 -1.44 -3.69 -13.51
N ILE A 242 -1.23 -4.19 -12.29
CA ILE A 242 -1.72 -5.51 -11.95
C ILE A 242 -2.57 -5.50 -10.69
N GLY A 243 -3.00 -4.33 -10.24
CA GLY A 243 -3.69 -4.21 -8.98
C GLY A 243 -5.20 -4.07 -9.11
N PRO A 244 -5.91 -4.13 -7.97
CA PRO A 244 -5.33 -4.45 -6.66
C PRO A 244 -4.90 -5.91 -6.57
N THR A 245 -3.74 -6.17 -5.93
CA THR A 245 -3.33 -7.56 -5.78
C THR A 245 -4.14 -8.27 -4.70
N ALA A 246 -4.69 -7.53 -3.74
CA ALA A 246 -5.55 -8.14 -2.74
C ALA A 246 -6.76 -8.78 -3.40
N PRO A 247 -7.33 -9.82 -2.81
CA PRO A 247 -8.48 -10.49 -3.44
C PRO A 247 -9.74 -9.65 -3.37
N THR A 248 -10.67 -9.90 -4.29
CA THR A 248 -11.91 -9.11 -4.34
C THR A 248 -12.90 -9.46 -3.21
N LEU A 259 -5.17 -13.23 3.71
CA LEU A 259 -4.12 -13.02 4.70
C LEU A 259 -4.70 -12.95 6.09
N PHE A 260 -4.29 -13.89 6.96
CA PHE A 260 -4.84 -14.02 8.30
C PHE A 260 -4.17 -13.00 9.23
N GLU A 261 -4.91 -11.98 9.63
CA GLU A 261 -4.38 -10.97 10.55
C GLU A 261 -4.76 -11.32 11.98
N THR A 262 -4.06 -10.72 12.93
CA THR A 262 -4.40 -10.95 14.32
C THR A 262 -5.71 -10.25 14.68
N ASN A 263 -6.36 -10.73 15.74
CA ASN A 263 -7.60 -10.20 16.28
C ASN A 263 -8.77 -10.34 15.30
N THR A 264 -8.70 -11.29 14.37
CA THR A 264 -9.74 -11.39 13.35
C THR A 264 -11.09 -11.76 13.96
N GLU A 265 -11.13 -12.79 14.80
CA GLU A 265 -12.41 -13.20 15.39
C GLU A 265 -12.96 -12.10 16.30
N VAL A 266 -12.10 -11.44 17.07
CA VAL A 266 -12.56 -10.39 17.98
C VAL A 266 -13.22 -9.26 17.19
N CYS A 267 -12.55 -8.80 16.12
CA CYS A 267 -13.04 -7.67 15.36
C CYS A 267 -14.30 -8.02 14.59
N MET A 268 -14.36 -9.22 14.01
CA MET A 268 -15.51 -9.57 13.18
C MET A 268 -16.75 -9.76 14.04
N LYS A 269 -16.58 -10.34 15.23
CA LYS A 269 -17.69 -10.46 16.16
C LYS A 269 -18.22 -9.09 16.57
N TRP A 270 -17.33 -8.18 16.93
CA TRP A 270 -17.78 -6.84 17.34
C TRP A 270 -18.51 -6.14 16.20
N LEU A 271 -17.94 -6.17 15.00
CA LEU A 271 -18.58 -5.54 13.85
C LEU A 271 -19.90 -6.21 13.51
N ASP A 272 -19.96 -7.56 13.62
CA ASP A 272 -21.19 -8.30 13.33
C ASP A 272 -22.34 -7.82 14.21
N GLU A 273 -22.05 -7.31 15.41
CA GLU A 273 -23.08 -6.89 16.33
C GLU A 273 -23.42 -5.41 16.23
N ARG A 274 -22.84 -4.69 15.28
CA ARG A 274 -23.16 -3.28 15.06
C ARG A 274 -24.20 -3.11 13.95
N GLU A 275 -24.84 -1.94 13.93
CA GLU A 275 -25.83 -1.60 12.94
C GLU A 275 -25.16 -1.38 11.58
N PRO A 276 -25.89 -1.54 10.48
CA PRO A 276 -25.28 -1.27 9.17
C PRO A 276 -24.87 0.18 9.05
N ASN A 277 -23.74 0.41 8.39
CA ASN A 277 -23.31 1.75 8.01
C ASN A 277 -23.22 2.67 9.24
N SER A 278 -22.68 2.14 10.33
CA SER A 278 -22.68 2.89 11.58
C SER A 278 -21.29 3.05 12.20
N VAL A 279 -20.24 2.48 11.62
CA VAL A 279 -18.94 2.39 12.26
C VAL A 279 -17.93 3.23 11.49
N ILE A 280 -17.26 4.13 12.19
CA ILE A 280 -16.10 4.82 11.64
C ILE A 280 -14.87 3.98 11.96
N TYR A 281 -14.18 3.53 10.92
CA TYR A 281 -12.97 2.74 11.06
C TYR A 281 -11.78 3.70 10.99
N VAL A 282 -10.92 3.65 12.01
CA VAL A 282 -9.80 4.57 12.14
C VAL A 282 -8.51 3.76 12.22
N SER A 283 -7.57 4.06 11.32
CA SER A 283 -6.25 3.44 11.38
C SER A 283 -5.25 4.34 10.69
N PHE A 284 -4.06 4.45 11.28
CA PHE A 284 -2.97 5.20 10.69
C PHE A 284 -1.84 4.28 10.22
N GLY A 285 -2.18 3.03 9.94
CA GLY A 285 -1.23 2.12 9.32
C GLY A 285 -0.24 1.53 10.30
N SER A 286 0.90 1.09 9.75
CA SER A 286 1.82 0.24 10.48
C SER A 286 3.00 0.98 11.09
N ILE A 287 3.27 2.22 10.68
CA ILE A 287 4.49 2.88 11.17
C ILE A 287 4.26 4.32 11.60
N ALA A 288 3.26 5.02 11.04
CA ALA A 288 3.03 6.41 11.45
C ALA A 288 2.74 6.51 12.95
N SER A 289 3.29 7.55 13.58
CA SER A 289 3.13 7.79 15.01
C SER A 289 2.66 9.22 15.23
N LEU A 290 1.50 9.38 15.83
CA LEU A 290 0.97 10.71 16.06
C LEU A 290 1.38 11.20 17.44
N THR A 291 1.44 12.53 17.58
CA THR A 291 1.75 13.15 18.87
C THR A 291 0.61 12.91 19.85
N GLU A 292 0.92 13.04 21.14
CA GLU A 292 -0.10 12.90 22.17
C GLU A 292 -1.23 13.91 21.96
N GLN A 293 -0.90 15.15 21.61
CA GLN A 293 -1.95 16.14 21.35
C GLN A 293 -2.83 15.71 20.18
N GLN A 294 -2.23 15.20 19.10
CA GLN A 294 -3.03 14.74 17.97
C GLN A 294 -3.93 13.59 18.38
N MET A 295 -3.43 12.68 19.21
CA MET A 295 -4.23 11.57 19.70
C MET A 295 -5.43 12.06 20.52
N GLU A 296 -5.22 13.10 21.34
CA GLU A 296 -6.31 13.65 22.13
C GLU A 296 -7.38 14.30 21.26
N GLU A 297 -6.99 14.98 20.18
CA GLU A 297 -8.02 15.56 19.31
C GLU A 297 -8.86 14.47 18.64
N ILE A 298 -8.20 13.43 18.10
CA ILE A 298 -8.94 12.33 17.49
C ILE A 298 -9.86 11.69 18.52
N SER A 299 -9.32 11.42 19.71
CA SER A 299 -10.09 10.78 20.77
C SER A 299 -11.35 11.56 21.10
N GLN A 300 -11.25 12.89 21.26
CA GLN A 300 -12.43 13.67 21.63
C GLN A 300 -13.46 13.72 20.51
N ALA A 301 -13.03 13.73 19.25
CA ALA A 301 -14.00 13.64 18.16
C ALA A 301 -14.72 12.30 18.18
N LEU A 302 -13.97 11.20 18.28
CA LEU A 302 -14.59 9.89 18.17
C LEU A 302 -15.53 9.62 19.35
N PHE A 303 -15.24 10.18 20.52
CA PHE A 303 -16.08 9.92 21.67
C PHE A 303 -17.32 10.79 21.70
N THR A 304 -17.47 11.73 20.78
CA THR A 304 -18.60 12.65 20.77
C THR A 304 -19.38 12.62 19.46
N THR A 305 -18.93 11.87 18.46
CA THR A 305 -19.63 11.81 17.19
C THR A 305 -20.81 10.84 17.27
N ASN A 306 -21.73 10.97 16.32
CA ASN A 306 -22.94 10.14 16.34
C ASN A 306 -22.75 8.80 15.66
N PHE A 307 -21.61 8.14 15.88
CA PHE A 307 -21.29 6.89 15.20
C PHE A 307 -20.52 6.00 16.16
N ASN A 308 -20.62 4.68 15.94
CA ASN A 308 -19.71 3.76 16.58
C ASN A 308 -18.33 3.90 15.94
N PHE A 309 -17.31 3.34 16.58
CA PHE A 309 -15.98 3.43 16.00
C PHE A 309 -15.12 2.23 16.40
N LEU A 310 -14.27 1.84 15.46
CA LEU A 310 -13.21 0.86 15.66
C LEU A 310 -11.89 1.57 15.33
N TRP A 311 -11.04 1.76 16.33
CA TRP A 311 -9.82 2.55 16.20
C TRP A 311 -8.62 1.66 16.48
N VAL A 312 -7.74 1.54 15.50
CA VAL A 312 -6.52 0.76 15.66
C VAL A 312 -5.47 1.66 16.29
N VAL A 313 -5.05 1.33 17.50
CA VAL A 313 -3.95 2.02 18.18
C VAL A 313 -2.90 0.97 18.51
N ARG A 314 -1.79 0.97 17.77
CA ARG A 314 -0.79 -0.08 17.92
C ARG A 314 -0.24 -0.09 19.34
N GLU A 315 0.22 -1.27 19.77
CA GLU A 315 0.71 -1.47 21.13
C GLU A 315 1.69 -0.37 21.53
N GLU A 316 2.69 -0.11 20.70
CA GLU A 316 3.71 0.87 21.04
C GLU A 316 3.18 2.30 21.02
N GLU A 317 1.98 2.54 20.49
CA GLU A 317 1.36 3.87 20.50
C GLU A 317 0.37 4.06 21.65
N ARG A 318 -0.02 3.01 22.36
CA ARG A 318 -1.07 3.13 23.36
C ARG A 318 -0.74 4.18 24.41
N THR A 319 0.54 4.31 24.75
CA THR A 319 0.95 5.25 25.79
C THR A 319 0.68 6.72 25.44
N LYS A 320 0.43 7.03 24.17
CA LYS A 320 0.14 8.41 23.79
C LYS A 320 -1.35 8.74 23.81
N LEU A 321 -2.22 7.80 24.18
CA LEU A 321 -3.63 8.12 24.36
C LEU A 321 -3.80 9.00 25.59
N PRO A 322 -4.84 9.83 25.61
CA PRO A 322 -5.14 10.61 26.83
C PRO A 322 -5.21 9.71 28.06
N ASN A 323 -4.64 10.17 29.17
CA ASN A 323 -4.56 9.33 30.37
C ASN A 323 -5.94 8.88 30.84
N CYS A 324 -6.98 9.67 30.58
CA CYS A 324 -8.33 9.30 31.00
C CYS A 324 -8.79 7.99 30.38
N LEU A 325 -8.12 7.49 29.34
CA LEU A 325 -8.37 6.16 28.80
C LEU A 325 -7.38 5.13 29.34
N PRO A 335 -2.48 -4.49 26.98
CA PRO A 335 -3.95 -4.53 26.91
C PRO A 335 -4.46 -4.67 25.47
N SER A 336 -4.88 -5.88 25.09
CA SER A 336 -5.14 -6.17 23.68
C SER A 336 -6.24 -5.28 23.10
N SER A 337 -7.28 -5.00 23.89
CA SER A 337 -8.41 -4.24 23.38
C SER A 337 -9.15 -3.59 24.55
N GLU A 338 -9.91 -2.54 24.23
CA GLU A 338 -10.73 -1.86 25.22
C GLU A 338 -12.07 -1.46 24.62
N SER A 339 -13.14 -1.67 25.37
CA SER A 339 -14.49 -1.38 24.94
C SER A 339 -14.99 -0.12 25.64
N PHE A 340 -15.80 0.66 24.92
CA PHE A 340 -16.32 1.92 25.45
C PHE A 340 -17.77 2.13 25.04
N THR A 341 -18.52 2.79 25.90
CA THR A 341 -19.76 3.46 25.52
C THR A 341 -19.42 4.94 25.42
N THR A 342 -19.76 5.57 24.30
CA THR A 342 -19.28 6.93 24.06
C THR A 342 -20.22 7.94 24.68
N ALA A 343 -19.75 9.20 24.71
CA ALA A 343 -20.54 10.29 25.26
C ALA A 343 -21.80 10.53 24.45
N ALA A 344 -21.87 10.03 23.22
CA ALA A 344 -23.06 10.12 22.41
C ALA A 344 -23.91 8.87 22.48
N GLY A 345 -23.58 7.95 23.40
CA GLY A 345 -24.31 6.70 23.54
C GLY A 345 -24.00 5.64 22.51
N LYS A 346 -22.92 5.78 21.73
CA LYS A 346 -22.50 4.78 20.75
C LYS A 346 -21.45 3.87 21.36
N LEU A 347 -20.89 2.95 20.56
CA LEU A 347 -19.89 2.01 21.06
C LEU A 347 -18.56 2.19 20.33
N GLY A 348 -17.48 2.03 21.08
CA GLY A 348 -16.15 2.13 20.51
C GLY A 348 -15.32 0.93 20.91
N LEU A 349 -14.40 0.57 20.03
CA LEU A 349 -13.42 -0.47 20.31
C LEU A 349 -12.05 0.06 19.90
N ILE A 350 -11.12 0.06 20.86
CA ILE A 350 -9.71 0.32 20.58
C ILE A 350 -8.98 -1.01 20.63
N ILE A 351 -8.21 -1.30 19.58
CA ILE A 351 -7.58 -2.60 19.42
C ILE A 351 -6.21 -2.39 18.79
N ASN A 352 -5.27 -3.29 19.05
CA ASN A 352 -3.91 -2.98 18.60
C ASN A 352 -3.65 -3.36 17.14
N TRP A 353 -4.59 -4.03 16.47
CA TRP A 353 -4.47 -4.47 15.08
C TRP A 353 -5.78 -5.15 14.71
N CYS A 354 -6.08 -5.19 13.41
CA CYS A 354 -7.34 -5.76 12.94
C CYS A 354 -7.12 -6.34 11.56
N PRO A 355 -8.05 -7.19 11.06
CA PRO A 355 -7.95 -7.63 9.67
C PRO A 355 -8.54 -6.58 8.75
N GLN A 356 -7.68 -5.65 8.29
CA GLN A 356 -8.20 -4.42 7.70
C GLN A 356 -9.10 -4.68 6.50
N LEU A 357 -8.72 -5.63 5.63
CA LEU A 357 -9.53 -5.88 4.45
C LEU A 357 -10.90 -6.43 4.81
N ASP A 358 -10.96 -7.31 5.81
CA ASP A 358 -12.26 -7.79 6.26
C ASP A 358 -13.06 -6.67 6.92
N VAL A 359 -12.39 -5.83 7.69
CA VAL A 359 -13.06 -4.68 8.30
C VAL A 359 -13.65 -3.79 7.22
N LEU A 360 -12.85 -3.43 6.22
CA LEU A 360 -13.31 -2.47 5.21
C LEU A 360 -14.47 -3.04 4.40
N ARG A 361 -14.57 -4.36 4.25
CA ARG A 361 -15.67 -4.95 3.50
C ARG A 361 -16.88 -5.27 4.36
N HIS A 362 -16.84 -4.94 5.65
CA HIS A 362 -17.96 -5.24 6.54
C HIS A 362 -19.07 -4.21 6.37
N GLU A 363 -20.31 -4.70 6.35
CA GLU A 363 -21.47 -3.84 6.13
C GLU A 363 -21.63 -2.79 7.22
N SER A 364 -21.04 -3.01 8.40
CA SER A 364 -21.20 -2.07 9.50
C SER A 364 -20.40 -0.78 9.29
N VAL A 365 -19.44 -0.75 8.37
CA VAL A 365 -18.50 0.37 8.27
C VAL A 365 -19.11 1.50 7.43
N ALA A 366 -19.13 2.69 8.00
CA ALA A 366 -19.56 3.92 7.34
C ALA A 366 -18.44 4.58 6.54
N CYS A 367 -17.25 4.71 7.13
CA CYS A 367 -16.19 5.42 6.43
C CYS A 367 -14.88 5.06 7.11
N PHE A 368 -13.80 5.50 6.49
CA PHE A 368 -12.44 5.09 6.84
C PHE A 368 -11.66 6.38 7.12
N MET A 369 -11.30 6.62 8.38
CA MET A 369 -10.35 7.67 8.71
C MET A 369 -8.95 7.08 8.60
N THR A 370 -8.19 7.53 7.59
CA THR A 370 -6.96 6.86 7.19
C THR A 370 -5.80 7.85 7.05
N HIS A 371 -4.59 7.34 7.21
CA HIS A 371 -3.41 8.14 6.90
C HIS A 371 -3.12 8.17 5.40
N CYS A 372 -3.91 7.47 4.59
CA CYS A 372 -3.78 7.46 3.13
C CYS A 372 -2.50 6.80 2.66
N GLY A 373 -1.94 5.85 3.41
CA GLY A 373 -0.96 4.95 2.80
C GLY A 373 -1.58 4.31 1.57
N TRP A 374 -0.78 3.88 0.58
CA TRP A 374 -1.42 3.46 -0.67
C TRP A 374 -2.20 2.15 -0.52
N ASN A 375 -1.70 1.19 0.26
CA ASN A 375 -2.45 -0.05 0.44
C ASN A 375 -3.81 0.20 1.10
N SER A 376 -3.82 1.02 2.16
CA SER A 376 -5.09 1.42 2.78
C SER A 376 -6.01 2.10 1.78
N THR A 377 -5.48 3.03 0.99
CA THR A 377 -6.28 3.72 -0.03
C THR A 377 -6.87 2.75 -1.03
N LEU A 378 -6.02 1.90 -1.63
CA LEU A 378 -6.52 0.97 -2.65
C LEU A 378 -7.44 -0.08 -2.04
N GLU A 379 -7.14 -0.56 -0.83
CA GLU A 379 -8.07 -1.49 -0.16
C GLU A 379 -9.43 -0.84 0.05
N ALA A 380 -9.46 0.43 0.45
CA ALA A 380 -10.73 1.12 0.63
C ALA A 380 -11.45 1.32 -0.71
N ILE A 381 -10.72 1.70 -1.76
CA ILE A 381 -11.30 1.78 -3.10
C ILE A 381 -11.94 0.45 -3.49
N SER A 382 -11.21 -0.65 -3.29
CA SER A 382 -11.71 -1.95 -3.68
C SER A 382 -12.87 -2.40 -2.82
N SER A 383 -13.17 -1.68 -1.74
CA SER A 383 -14.27 -2.04 -0.85
C SER A 383 -15.44 -1.07 -0.91
N GLY A 384 -15.31 0.04 -1.61
CA GLY A 384 -16.39 1.01 -1.67
C GLY A 384 -16.55 1.90 -0.46
N VAL A 385 -15.49 2.13 0.31
CA VAL A 385 -15.59 2.87 1.57
C VAL A 385 -15.05 4.28 1.38
N PRO A 386 -15.85 5.32 1.56
CA PRO A 386 -15.32 6.69 1.48
C PRO A 386 -14.42 7.01 2.67
N MET A 387 -13.55 8.01 2.49
CA MET A 387 -12.45 8.23 3.41
C MET A 387 -12.39 9.64 3.97
N ILE A 388 -11.90 9.73 5.20
CA ILE A 388 -11.42 10.99 5.80
C ILE A 388 -9.91 10.91 5.82
N CYS A 389 -9.25 11.81 5.08
CA CYS A 389 -7.82 11.73 4.82
C CYS A 389 -7.04 12.54 5.84
N VAL A 390 -6.18 11.86 6.62
CA VAL A 390 -5.30 12.50 7.58
C VAL A 390 -3.85 12.15 7.24
N PRO A 391 -3.32 12.61 6.11
CA PRO A 391 -2.02 12.13 5.67
C PRO A 391 -0.90 12.60 6.57
N GLN A 392 0.14 11.77 6.69
CA GLN A 392 1.27 12.14 7.53
C GLN A 392 2.54 12.45 6.75
N TRP A 393 2.99 11.60 5.83
CA TRP A 393 4.23 11.93 5.11
C TRP A 393 4.38 11.08 3.85
N VAL A 394 5.49 11.30 3.15
CA VAL A 394 5.82 10.69 1.86
C VAL A 394 4.59 10.77 0.94
N ASP A 395 4.13 9.63 0.40
CA ASP A 395 3.10 9.68 -0.63
C ASP A 395 1.71 9.95 -0.10
N GLN A 396 1.51 9.95 1.22
CA GLN A 396 0.16 10.07 1.76
C GLN A 396 -0.47 11.41 1.42
N THR A 397 0.33 12.48 1.33
CA THR A 397 -0.22 13.79 0.98
C THR A 397 -0.71 13.81 -0.47
N THR A 398 0.04 13.19 -1.38
CA THR A 398 -0.39 13.13 -2.78
C THR A 398 -1.61 12.24 -2.93
N ASN A 399 -1.64 11.11 -2.21
CA ASN A 399 -2.78 10.21 -2.26
C ASN A 399 -4.06 10.93 -1.83
N ALA A 400 -3.99 11.72 -0.75
CA ALA A 400 -5.16 12.45 -0.26
C ALA A 400 -5.65 13.47 -1.28
N LYS A 401 -4.74 14.14 -1.99
CA LYS A 401 -5.14 15.03 -3.08
C LYS A 401 -5.97 14.27 -4.11
N PHE A 402 -5.53 13.08 -4.49
CA PHE A 402 -6.29 12.33 -5.50
C PHE A 402 -7.59 11.79 -4.92
N ILE A 403 -7.55 11.32 -3.67
CA ILE A 403 -8.77 10.85 -3.01
C ILE A 403 -9.85 11.93 -3.02
N GLN A 404 -9.50 13.16 -2.60
CA GLN A 404 -10.54 14.19 -2.47
C GLN A 404 -10.93 14.76 -3.83
N ASP A 405 -9.95 15.11 -4.67
CA ASP A 405 -10.21 15.98 -5.81
C ASP A 405 -10.31 15.23 -7.14
N VAL A 406 -9.75 14.04 -7.27
CA VAL A 406 -9.72 13.37 -8.57
C VAL A 406 -10.71 12.21 -8.58
N TRP A 407 -10.44 11.21 -7.76
CA TRP A 407 -11.38 10.10 -7.60
C TRP A 407 -12.63 10.54 -6.87
N LYS A 408 -12.54 11.55 -5.99
CA LYS A 408 -13.69 12.14 -5.30
C LYS A 408 -14.42 11.10 -4.45
N ILE A 409 -13.66 10.45 -3.55
CA ILE A 409 -14.19 9.43 -2.66
C ILE A 409 -13.82 9.74 -1.22
N GLY A 410 -13.43 10.99 -0.93
CA GLY A 410 -13.05 11.32 0.42
C GLY A 410 -12.92 12.82 0.58
N VAL A 411 -12.66 13.23 1.83
CA VAL A 411 -12.37 14.64 2.15
C VAL A 411 -11.06 14.65 2.94
N ARG A 412 -10.23 15.66 2.67
CA ARG A 412 -8.95 15.80 3.36
C ARG A 412 -9.06 16.84 4.47
N VAL A 413 -8.55 16.50 5.67
CA VAL A 413 -8.64 17.44 6.78
C VAL A 413 -7.69 18.60 6.55
N ASN A 414 -7.96 19.70 7.23
CA ASN A 414 -7.09 20.88 7.15
C ASN A 414 -6.31 21.01 8.45
N ASN A 415 -5.00 21.15 8.34
CA ASN A 415 -4.14 21.31 9.52
C ASN A 415 -4.30 22.70 10.13
N ASN A 420 2.26 20.67 6.65
CA ASN A 420 1.74 19.30 6.68
C ASN A 420 1.85 18.68 8.07
N GLY A 421 2.41 19.43 9.02
CA GLY A 421 2.61 18.93 10.37
C GLY A 421 1.81 19.66 11.43
N GLY A 422 0.89 20.52 11.01
CA GLY A 422 0.03 21.18 11.96
C GLY A 422 -0.96 20.22 12.58
N LEU A 423 -1.35 20.53 13.81
CA LEU A 423 -2.36 19.74 14.51
C LEU A 423 -3.70 19.81 13.78
N VAL A 424 -4.37 18.66 13.65
CA VAL A 424 -5.76 18.63 13.18
C VAL A 424 -6.67 18.58 14.40
N LYS A 425 -7.49 19.61 14.59
CA LYS A 425 -8.29 19.79 15.79
C LYS A 425 -9.61 19.02 15.69
N LYS A 426 -10.17 18.71 16.87
CA LYS A 426 -11.36 17.87 16.91
C LYS A 426 -12.48 18.47 16.10
N GLU A 427 -12.62 19.79 16.16
CA GLU A 427 -13.67 20.44 15.40
C GLU A 427 -13.51 20.19 13.91
N GLU A 428 -12.27 20.14 13.41
CA GLU A 428 -12.04 19.86 12.00
C GLU A 428 -12.35 18.40 11.67
N ILE A 429 -11.96 17.47 12.54
CA ILE A 429 -12.29 16.06 12.34
C ILE A 429 -13.79 15.87 12.29
N GLU A 430 -14.51 16.44 13.26
CA GLU A 430 -15.95 16.34 13.29
C GLU A 430 -16.58 16.93 12.03
N ARG A 431 -16.02 18.05 11.55
CA ARG A 431 -16.48 18.62 10.29
C ARG A 431 -16.40 17.61 9.15
N CYS A 432 -15.30 16.87 9.07
CA CYS A 432 -15.15 15.90 8.00
C CYS A 432 -16.03 14.66 8.21
N ILE A 433 -16.28 14.29 9.47
CA ILE A 433 -17.22 13.19 9.73
C ILE A 433 -18.61 13.58 9.26
N LYS A 434 -19.03 14.81 9.61
CA LYS A 434 -20.34 15.29 9.20
C LYS A 434 -20.46 15.36 7.68
N GLU A 435 -19.43 15.84 6.98
CA GLU A 435 -19.50 15.88 5.52
C GLU A 435 -19.58 14.47 4.92
N VAL A 436 -18.78 13.53 5.41
CA VAL A 436 -18.75 12.23 4.78
C VAL A 436 -19.96 11.39 5.17
N CYS A 437 -20.35 11.40 6.44
CA CYS A 437 -21.36 10.47 6.92
C CYS A 437 -22.73 11.09 7.10
N GLU A 438 -22.84 12.42 7.02
CA GLU A 438 -24.09 13.06 7.42
C GLU A 438 -24.52 14.14 6.44
N SER A 439 -24.06 14.11 5.20
CA SER A 439 -24.35 15.19 4.28
C SER A 439 -24.71 14.62 2.92
N GLU A 440 -25.36 15.46 2.10
CA GLU A 440 -25.65 15.06 0.74
C GLU A 440 -24.37 14.90 -0.07
N LYS A 441 -23.34 15.70 0.23
CA LYS A 441 -22.04 15.49 -0.39
C LYS A 441 -21.51 14.09 -0.06
N GLY A 442 -21.69 13.62 1.16
CA GLY A 442 -21.23 12.30 1.59
C GLY A 442 -21.90 11.18 0.83
N LYS A 443 -23.18 11.36 0.52
CA LYS A 443 -23.92 10.36 -0.29
C LYS A 443 -23.27 10.25 -1.68
N GLU A 444 -22.89 11.38 -2.27
CA GLU A 444 -22.20 11.37 -3.58
C GLU A 444 -20.84 10.70 -3.43
N LEU A 445 -20.06 11.09 -2.41
CA LEU A 445 -18.79 10.41 -2.18
C LEU A 445 -18.98 8.90 -2.12
N LYS A 446 -20.02 8.42 -1.43
CA LYS A 446 -20.29 6.99 -1.34
C LYS A 446 -20.66 6.41 -2.70
N ARG A 447 -21.50 7.12 -3.47
CA ARG A 447 -21.82 6.65 -4.82
C ARG A 447 -20.57 6.56 -5.68
N ASN A 448 -19.70 7.56 -5.60
CA ASN A 448 -18.43 7.53 -6.31
C ASN A 448 -17.58 6.32 -5.91
N ALA A 449 -17.50 6.04 -4.60
CA ALA A 449 -16.69 4.93 -4.15
C ALA A 449 -17.25 3.59 -4.62
N MET A 450 -18.57 3.47 -4.71
CA MET A 450 -19.18 2.23 -5.18
C MET A 450 -18.90 2.02 -6.68
N LYS A 451 -18.91 3.12 -7.45
CA LYS A 451 -18.47 3.10 -8.83
C LYS A 451 -17.01 2.64 -8.96
N TRP A 452 -16.09 3.26 -8.22
CA TRP A 452 -14.70 2.81 -8.28
C TRP A 452 -14.53 1.39 -7.77
N LYS A 453 -15.38 0.95 -6.83
CA LYS A 453 -15.29 -0.44 -6.38
C LYS A 453 -15.62 -1.39 -7.51
N ASP A 454 -16.68 -1.10 -8.28
CA ASP A 454 -17.03 -1.96 -9.40
C ASP A 454 -15.91 -1.99 -10.44
N LEU A 455 -15.28 -0.84 -10.71
CA LEU A 455 -14.21 -0.82 -11.70
C LEU A 455 -12.99 -1.61 -11.23
N SER A 456 -12.66 -1.51 -9.94
CA SER A 456 -11.53 -2.30 -9.47
C SER A 456 -11.82 -3.79 -9.58
N LYS A 457 -13.07 -4.20 -9.37
CA LYS A 457 -13.41 -5.60 -9.52
C LYS A 457 -13.34 -6.02 -10.98
N GLU A 458 -13.79 -5.15 -11.88
CA GLU A 458 -13.68 -5.45 -13.31
C GLU A 458 -12.22 -5.57 -13.74
N ALA A 459 -11.33 -4.77 -13.15
CA ALA A 459 -9.94 -4.76 -13.59
C ALA A 459 -9.25 -6.09 -13.35
N VAL A 460 -9.58 -6.77 -12.24
CA VAL A 460 -8.91 -8.00 -11.84
C VAL A 460 -9.71 -9.24 -12.19
N SER A 461 -10.84 -9.09 -12.87
CA SER A 461 -11.60 -10.22 -13.38
C SER A 461 -11.19 -10.54 -14.81
N GLU A 462 -11.58 -11.74 -15.26
CA GLU A 462 -11.20 -12.20 -16.60
C GLU A 462 -11.55 -11.12 -17.62
N GLY A 463 -10.58 -10.81 -18.48
CA GLY A 463 -10.77 -9.77 -19.45
C GLY A 463 -10.45 -8.38 -18.95
N GLY A 464 -10.34 -8.17 -17.63
CA GLY A 464 -9.98 -6.87 -17.12
C GLY A 464 -8.52 -6.51 -17.37
N SER A 465 -8.24 -5.21 -17.33
CA SER A 465 -6.91 -4.72 -17.66
C SER A 465 -5.84 -5.32 -16.75
N SER A 466 -6.14 -5.46 -15.46
CA SER A 466 -5.14 -5.97 -14.52
C SER A 466 -5.00 -7.47 -14.65
N ASP A 467 -6.10 -8.18 -14.93
CA ASP A 467 -6.00 -9.62 -15.21
C ASP A 467 -5.15 -9.88 -16.45
N THR A 468 -5.38 -9.10 -17.51
CA THR A 468 -4.59 -9.21 -18.73
C THR A 468 -3.11 -8.94 -18.47
N ASN A 469 -2.79 -7.92 -17.66
CA ASN A 469 -1.38 -7.58 -17.47
C ASN A 469 -0.68 -8.64 -16.64
N LEU A 470 -1.38 -9.20 -15.65
CA LEU A 470 -0.75 -10.23 -14.83
C LEU A 470 -0.56 -11.51 -15.64
N GLU A 471 -1.55 -11.86 -16.48
CA GLU A 471 -1.39 -13.01 -17.37
C GLU A 471 -0.31 -12.76 -18.42
N TYR A 472 -0.07 -11.50 -18.79
CA TYR A 472 1.07 -11.21 -19.66
C TYR A 472 2.38 -11.54 -18.95
N PHE A 473 2.49 -11.11 -17.68
CA PHE A 473 3.61 -11.50 -16.84
C PHE A 473 3.78 -13.02 -16.81
N ALA A 474 2.72 -13.74 -16.43
CA ALA A 474 2.79 -15.18 -16.24
C ALA A 474 3.13 -15.91 -17.54
N SER A 475 2.45 -15.55 -18.64
CA SER A 475 2.63 -16.24 -19.92
C SER A 475 4.04 -16.07 -20.47
N THR A 476 4.57 -14.83 -20.46
CA THR A 476 5.87 -14.57 -21.07
C THR A 476 7.01 -15.14 -20.22
N LEU A 477 6.80 -15.32 -18.92
CA LEU A 477 7.78 -16.05 -18.12
C LEU A 477 7.95 -17.48 -18.64
N LEU A 478 6.90 -18.05 -19.21
CA LEU A 478 6.98 -19.41 -19.74
C LEU A 478 7.68 -19.51 -21.10
N PHE A 479 7.82 -18.39 -21.82
CA PHE A 479 8.32 -18.39 -23.20
C PHE A 479 9.71 -19.02 -23.32
N TYR A 480 9.93 -19.73 -24.42
CA TYR A 480 11.27 -20.12 -24.86
C TYR A 480 11.89 -18.95 -25.65
#